data_3O0A
#
_entry.id   3O0A
#
_cell.length_a   38.689
_cell.length_b   98.180
_cell.length_c   116.667
_cell.angle_alpha   90.00
_cell.angle_beta   90.00
_cell.angle_gamma   90.00
#
_symmetry.space_group_name_H-M   'P 21 21 21'
#
loop_
_entity.id
_entity.type
_entity.pdbx_description
1 polymer 'Leucyl-tRNA synthetase subunit alpha'
2 water water
#
_entity_poly.entity_id   1
_entity_poly.type   'polypeptide(L)'
_entity_poly.pdbx_seq_one_letter_code
;GRSEGALIRFYVEIEEPEKFLNCVPEELKETLLKEKRIYIDVFTTRPDTVFGATFVVLAPEHPLVPVLACIGERLGNACY
SDVENFVEKMKKMSTRERTMEEDKEGVFLGVYATNPANGEKIPVWSANYVLYEYGTGAIMCVPAHDQRDWEFAKKYDLPI
KVVVKPEGAWDFEKGAYEGKGTLVNSDGFDGLDSETAKRKITEWLQDRGLGEKKVSYRL
;
_entity_poly.pdbx_strand_id   A,B
#
# COMPACT_ATOMS: atom_id res chain seq x y z
N GLU A 4 12.21 2.93 12.27
CA GLU A 4 11.43 2.90 10.99
C GLU A 4 10.68 1.57 10.89
N GLY A 5 9.41 1.67 10.54
CA GLY A 5 8.57 0.49 10.37
C GLY A 5 7.13 0.93 10.21
N ALA A 6 6.21 0.06 10.61
CA ALA A 6 4.79 0.34 10.46
C ALA A 6 4.04 -0.16 11.67
N LEU A 7 3.00 0.56 12.05
CA LEU A 7 1.98 -0.01 12.92
C LEU A 7 0.97 -0.67 11.99
N ILE A 8 0.56 -1.90 12.30
CA ILE A 8 -0.43 -2.60 11.50
C ILE A 8 -1.56 -3.04 12.44
N ARG A 9 -2.79 -2.74 12.02
CA ARG A 9 -3.97 -3.02 12.84
C ARG A 9 -4.56 -4.39 12.51
N PHE A 10 -4.09 -5.42 13.19
CA PHE A 10 -4.80 -6.71 13.16
C PHE A 10 -6.07 -6.54 13.98
N TYR A 11 -7.04 -7.44 13.80
CA TYR A 11 -8.24 -7.37 14.61
C TYR A 11 -8.92 -8.72 14.74
N VAL A 12 -9.48 -8.95 15.91
CA VAL A 12 -10.34 -10.12 16.11
C VAL A 12 -11.76 -9.71 15.79
N GLU A 13 -12.34 -10.35 14.78
CA GLU A 13 -13.74 -10.13 14.44
C GLU A 13 -14.63 -10.83 15.45
N ILE A 14 -15.64 -10.12 15.94
CA ILE A 14 -16.60 -10.68 16.89
C ILE A 14 -18.02 -10.44 16.36
N GLU A 15 -18.60 -11.51 15.84
CA GLU A 15 -19.90 -11.49 15.13
C GLU A 15 -21.08 -11.23 16.07
N GLU A 16 -20.97 -11.71 17.30
CA GLU A 16 -22.03 -11.57 18.28
C GLU A 16 -21.49 -10.90 19.56
N PRO A 17 -21.28 -9.57 19.52
CA PRO A 17 -20.63 -8.89 20.65
C PRO A 17 -21.30 -9.09 22.01
N GLU A 18 -22.64 -9.18 22.06
CA GLU A 18 -23.36 -9.36 23.34
C GLU A 18 -22.92 -10.60 24.11
N LYS A 19 -22.56 -11.65 23.37
CA LYS A 19 -22.09 -12.91 23.96
C LYS A 19 -20.72 -12.74 24.65
N PHE A 20 -20.01 -11.67 24.32
CA PHE A 20 -18.65 -11.48 24.81
C PHE A 20 -18.41 -10.18 25.59
N LEU A 21 -19.46 -9.38 25.78
CA LEU A 21 -19.29 -8.08 26.43
C LEU A 21 -18.66 -8.14 27.81
N ASN A 22 -18.94 -9.19 28.59
CA ASN A 22 -18.34 -9.24 29.92
C ASN A 22 -16.86 -9.65 29.92
N CYS A 23 -16.32 -9.97 28.74
CA CYS A 23 -14.89 -10.22 28.58
C CYS A 23 -14.08 -8.95 28.38
N VAL A 24 -14.75 -7.84 28.07
CA VAL A 24 -14.04 -6.63 27.61
C VAL A 24 -14.29 -5.45 28.54
N PRO A 25 -13.25 -4.63 28.77
CA PRO A 25 -13.45 -3.44 29.58
C PRO A 25 -14.21 -2.37 28.83
N GLU A 26 -14.78 -1.44 29.59
CA GLU A 26 -15.60 -0.36 29.05
C GLU A 26 -14.89 0.36 27.89
N GLU A 27 -13.59 0.55 28.03
CA GLU A 27 -12.79 1.27 27.04
C GLU A 27 -12.79 0.64 25.63
N LEU A 28 -13.06 -0.66 25.55
CA LEU A 28 -13.08 -1.36 24.25
C LEU A 28 -14.50 -1.63 23.74
N LYS A 29 -15.49 -1.28 24.54
CA LYS A 29 -16.88 -1.66 24.27
C LYS A 29 -17.44 -0.93 23.05
N GLU A 30 -17.12 0.35 22.94
CA GLU A 30 -17.57 1.20 21.84
C GLU A 30 -17.16 0.57 20.48
N THR A 31 -15.88 0.22 20.35
CA THR A 31 -15.37 -0.37 19.12
C THR A 31 -15.96 -1.76 18.86
N LEU A 32 -16.09 -2.54 19.93
CA LEU A 32 -16.65 -3.87 19.83
C LEU A 32 -18.07 -3.81 19.28
N LEU A 33 -18.90 -2.93 19.84
CA LEU A 33 -20.30 -2.86 19.41
C LEU A 33 -20.48 -2.21 18.03
N LYS A 34 -19.70 -1.18 17.74
CA LYS A 34 -19.83 -0.43 16.50
C LYS A 34 -19.15 -1.13 15.34
N GLU A 35 -17.96 -1.68 15.58
CA GLU A 35 -17.17 -2.27 14.50
C GLU A 35 -17.14 -3.80 14.50
N LYS A 36 -17.62 -4.41 15.58
CA LYS A 36 -17.58 -5.87 15.77
C LYS A 36 -16.13 -6.36 15.66
N ARG A 37 -15.23 -5.59 16.28
CA ARG A 37 -13.79 -5.88 16.26
C ARG A 37 -13.14 -5.56 17.59
N ILE A 38 -12.09 -6.33 17.92
CA ILE A 38 -11.13 -5.96 18.97
C ILE A 38 -9.79 -5.82 18.28
N TYR A 39 -9.24 -4.60 18.28
CA TYR A 39 -8.00 -4.38 17.52
C TYR A 39 -6.77 -4.85 18.28
N ILE A 40 -5.85 -5.45 17.54
CA ILE A 40 -4.51 -5.77 18.06
C ILE A 40 -3.51 -5.04 17.20
N ASP A 41 -3.05 -3.90 17.68
CA ASP A 41 -2.07 -3.13 16.92
C ASP A 41 -0.69 -3.74 17.13
N VAL A 42 0.02 -3.95 16.02
CA VAL A 42 1.37 -4.49 16.11
C VAL A 42 2.35 -3.49 15.50
N PHE A 43 3.52 -3.36 16.08
CA PHE A 43 4.60 -2.66 15.40
C PHE A 43 5.54 -3.65 14.70
N THR A 44 5.91 -3.35 13.46
CA THR A 44 6.86 -4.18 12.73
C THR A 44 7.84 -3.36 11.91
N THR A 45 9.09 -3.79 11.87
CA THR A 45 10.07 -3.19 10.95
C THR A 45 10.08 -3.96 9.62
N ARG A 46 9.18 -4.94 9.52
CA ARG A 46 9.07 -5.80 8.34
C ARG A 46 7.66 -5.83 7.73
N PRO A 47 7.11 -4.66 7.38
CA PRO A 47 5.76 -4.67 6.82
C PRO A 47 5.70 -5.37 5.45
N ASP A 48 6.85 -5.50 4.79
CA ASP A 48 6.96 -6.26 3.55
C ASP A 48 6.60 -7.74 3.71
N THR A 49 6.58 -8.23 4.95
CA THR A 49 6.29 -9.64 5.25
C THR A 49 4.87 -9.89 5.79
N VAL A 50 4.02 -8.86 5.77
CA VAL A 50 2.71 -8.94 6.43
C VAL A 50 1.84 -10.08 5.88
N PHE A 51 1.96 -10.38 4.59
CA PHE A 51 1.17 -11.47 4.02
C PHE A 51 1.61 -12.82 4.56
N GLY A 52 2.80 -12.86 5.17
CA GLY A 52 3.37 -14.10 5.69
C GLY A 52 3.11 -14.31 7.17
N ALA A 53 2.31 -13.43 7.76
CA ALA A 53 1.96 -13.59 9.17
C ALA A 53 1.04 -14.80 9.34
N THR A 54 1.49 -15.78 10.11
CA THR A 54 0.69 -16.99 10.33
C THR A 54 0.19 -17.13 11.77
N PHE A 55 0.63 -16.21 12.62
CA PHE A 55 0.10 -16.07 13.98
C PHE A 55 0.49 -14.72 14.57
N VAL A 56 -0.16 -14.36 15.67
CA VAL A 56 0.09 -13.13 16.41
C VAL A 56 0.50 -13.52 17.82
N VAL A 57 1.48 -12.81 18.38
CA VAL A 57 1.88 -13.04 19.78
C VAL A 57 1.82 -11.76 20.61
N LEU A 58 1.15 -11.83 21.76
CA LEU A 58 1.13 -10.75 22.72
C LEU A 58 2.13 -11.07 23.81
N ALA A 59 2.88 -10.07 24.25
CA ALA A 59 3.65 -10.23 25.49
C ALA A 59 2.73 -10.68 26.65
N PRO A 60 3.26 -11.46 27.60
CA PRO A 60 2.44 -11.98 28.71
C PRO A 60 1.73 -10.87 29.49
N GLU A 61 2.36 -9.70 29.61
CA GLU A 61 1.77 -8.59 30.37
C GLU A 61 0.83 -7.71 29.54
N HIS A 62 0.68 -8.04 28.26
CA HIS A 62 -0.21 -7.25 27.38
C HIS A 62 -1.63 -7.25 27.96
N PRO A 63 -2.23 -6.05 28.11
CA PRO A 63 -3.59 -5.93 28.64
C PRO A 63 -4.64 -6.79 27.92
N LEU A 64 -4.41 -7.11 26.65
CA LEU A 64 -5.41 -7.89 25.90
C LEU A 64 -5.34 -9.39 26.18
N VAL A 65 -4.30 -9.84 26.86
CA VAL A 65 -4.19 -11.28 27.12
C VAL A 65 -5.41 -11.84 27.89
N PRO A 66 -5.78 -11.25 29.05
CA PRO A 66 -6.97 -11.77 29.75
C PRO A 66 -8.27 -11.55 28.97
N VAL A 67 -8.37 -10.44 28.25
CA VAL A 67 -9.55 -10.14 27.44
C VAL A 67 -9.74 -11.23 26.38
N LEU A 68 -8.69 -11.47 25.59
CA LEU A 68 -8.76 -12.44 24.50
C LEU A 68 -8.89 -13.88 24.99
N ALA A 69 -8.24 -14.21 26.10
CA ALA A 69 -8.40 -15.54 26.70
C ALA A 69 -9.85 -15.79 27.19
N CYS A 70 -10.47 -14.73 27.69
CA CYS A 70 -11.88 -14.81 28.13
C CYS A 70 -12.74 -15.15 26.93
N ILE A 71 -12.48 -14.45 25.82
CA ILE A 71 -13.19 -14.71 24.57
C ILE A 71 -12.91 -16.12 24.03
N GLY A 72 -11.65 -16.55 24.07
CA GLY A 72 -11.25 -17.87 23.58
C GLY A 72 -11.85 -18.99 24.41
N GLU A 73 -11.98 -18.76 25.71
CA GLU A 73 -12.72 -19.71 26.56
C GLU A 73 -14.19 -19.77 26.15
N ARG A 74 -14.77 -18.60 25.92
CA ARG A 74 -16.19 -18.43 25.55
C ARG A 74 -16.48 -19.16 24.23
N LEU A 75 -15.51 -19.15 23.32
CA LEU A 75 -15.57 -19.88 22.04
C LEU A 75 -15.28 -21.39 22.14
N GLY A 76 -14.80 -21.83 23.29
CA GLY A 76 -14.41 -23.22 23.53
C GLY A 76 -13.05 -23.60 22.97
N ASN A 77 -12.23 -22.58 22.68
CA ASN A 77 -10.93 -22.79 22.01
C ASN A 77 -9.73 -22.70 22.94
N ALA A 78 -9.90 -22.05 24.08
CA ALA A 78 -8.78 -21.80 25.00
C ALA A 78 -9.03 -22.37 26.38
N CYS A 79 -7.94 -22.74 27.04
CA CYS A 79 -7.97 -23.10 28.45
C CYS A 79 -7.56 -21.88 29.26
N TYR A 80 -8.52 -21.24 29.93
CA TYR A 80 -8.20 -20.01 30.66
C TYR A 80 -7.15 -20.20 31.76
N SER A 81 -7.25 -21.27 32.53
CA SER A 81 -6.27 -21.53 33.58
C SER A 81 -4.86 -21.69 33.01
N ASP A 82 -4.76 -22.27 31.81
CA ASP A 82 -3.46 -22.45 31.16
C ASP A 82 -2.87 -21.08 30.89
N VAL A 83 -3.72 -20.17 30.43
CA VAL A 83 -3.26 -18.82 30.09
C VAL A 83 -2.83 -18.10 31.37
N GLU A 84 -3.67 -18.18 32.40
CA GLU A 84 -3.40 -17.52 33.68
C GLU A 84 -2.10 -18.01 34.31
N ASN A 85 -1.93 -19.33 34.30
CA ASN A 85 -0.71 -19.94 34.86
C ASN A 85 0.52 -19.44 34.11
N PHE A 86 0.42 -19.34 32.80
CA PHE A 86 1.54 -18.80 32.01
C PHE A 86 1.91 -17.37 32.39
N VAL A 87 0.91 -16.49 32.44
CA VAL A 87 1.14 -15.08 32.79
C VAL A 87 1.80 -14.96 34.17
N GLU A 88 1.30 -15.76 35.12
CA GLU A 88 1.81 -15.73 36.50
C GLU A 88 3.26 -16.20 36.54
N LYS A 89 3.57 -17.24 35.76
CA LYS A 89 4.94 -17.76 35.71
C LYS A 89 5.85 -16.67 35.14
N MET A 90 5.35 -16.01 34.10
CA MET A 90 6.17 -14.98 33.42
C MET A 90 6.50 -13.76 34.30
N LYS A 91 5.59 -13.36 35.19
CA LYS A 91 5.86 -12.29 36.18
C LYS A 91 7.16 -12.55 36.95
N LYS A 92 7.50 -13.84 37.11
CA LYS A 92 8.66 -14.20 37.89
C LYS A 92 9.97 -14.28 37.11
N MET A 93 9.89 -14.30 35.79
CA MET A 93 11.05 -14.52 34.93
C MET A 93 11.69 -13.21 34.51
N SER A 94 13.02 -13.19 34.57
CA SER A 94 13.82 -12.05 34.12
C SER A 94 13.88 -11.96 32.59
N THR A 95 14.37 -10.84 32.08
CA THR A 95 14.55 -10.69 30.64
C THR A 95 15.45 -11.81 30.08
N ARG A 96 16.55 -12.09 30.78
CA ARG A 96 17.47 -13.15 30.36
C ARG A 96 16.73 -14.49 30.31
N GLU A 97 16.00 -14.80 31.37
CA GLU A 97 15.25 -16.07 31.50
C GLU A 97 14.10 -16.27 30.49
N ARG A 98 13.65 -15.18 29.88
CA ARG A 98 12.55 -15.23 28.91
C ARG A 98 13.02 -15.27 27.46
N THR A 99 14.31 -14.96 27.27
CA THR A 99 14.88 -14.77 25.93
C THR A 99 16.11 -15.66 25.68
N MET A 100 16.68 -16.21 26.74
CA MET A 100 17.73 -17.23 26.55
C MET A 100 17.02 -18.51 26.15
N GLU A 101 16.77 -18.59 24.84
CA GLU A 101 15.80 -19.47 24.21
C GLU A 101 16.37 -20.86 23.92
N GLU A 102 16.15 -21.79 24.85
CA GLU A 102 16.42 -23.20 24.57
C GLU A 102 15.12 -24.00 24.67
N ASP A 103 14.01 -23.28 24.85
CA ASP A 103 12.66 -23.83 24.86
C ASP A 103 11.64 -22.72 25.05
N LYS A 104 11.56 -21.81 24.09
CA LYS A 104 10.44 -20.87 23.98
C LYS A 104 9.17 -21.45 24.58
N GLU A 105 8.38 -20.60 25.24
CA GLU A 105 7.15 -21.05 25.88
C GLU A 105 6.01 -20.10 25.53
N GLY A 106 4.86 -20.66 25.19
CA GLY A 106 3.68 -19.86 24.96
C GLY A 106 2.37 -20.62 25.14
N VAL A 107 1.28 -19.89 24.97
CA VAL A 107 -0.06 -20.43 25.20
C VAL A 107 -1.02 -19.83 24.16
N PHE A 108 -1.96 -20.64 23.69
CA PHE A 108 -2.93 -20.17 22.69
C PHE A 108 -4.07 -19.48 23.42
N LEU A 109 -4.44 -18.29 22.95
CA LEU A 109 -5.52 -17.52 23.58
C LEU A 109 -6.93 -17.88 23.09
N GLY A 110 -7.02 -18.73 22.07
CA GLY A 110 -8.31 -19.26 21.63
C GLY A 110 -9.08 -18.36 20.67
N VAL A 111 -8.42 -17.32 20.16
CA VAL A 111 -9.06 -16.44 19.19
C VAL A 111 -8.19 -16.34 17.94
N TYR A 112 -8.79 -15.93 16.84
CA TYR A 112 -8.09 -15.73 15.59
C TYR A 112 -8.21 -14.28 15.13
N ALA A 113 -7.07 -13.68 14.84
CA ALA A 113 -7.05 -12.31 14.36
C ALA A 113 -7.12 -12.33 12.83
N THR A 114 -7.85 -11.38 12.27
CA THR A 114 -7.86 -11.20 10.84
C THR A 114 -6.65 -10.38 10.45
N ASN A 115 -5.91 -10.91 9.48
CA ASN A 115 -4.81 -10.20 8.85
C ASN A 115 -5.39 -9.18 7.86
N PRO A 116 -5.14 -7.88 8.07
CA PRO A 116 -5.74 -6.83 7.22
C PRO A 116 -5.20 -6.87 5.79
N ALA A 117 -4.06 -7.54 5.57
CA ALA A 117 -3.47 -7.58 4.23
C ALA A 117 -4.19 -8.56 3.30
N ASN A 118 -4.62 -9.69 3.86
CA ASN A 118 -5.17 -10.78 3.05
C ASN A 118 -6.47 -11.41 3.57
N GLY A 119 -6.94 -10.94 4.73
CA GLY A 119 -8.17 -11.43 5.33
C GLY A 119 -8.12 -12.81 5.97
N GLU A 120 -6.93 -13.40 6.03
CA GLU A 120 -6.73 -14.71 6.64
C GLU A 120 -6.88 -14.59 8.14
N LYS A 121 -7.46 -15.62 8.75
CA LYS A 121 -7.61 -15.69 10.20
C LYS A 121 -6.48 -16.52 10.80
N ILE A 122 -5.73 -15.89 11.70
CA ILE A 122 -4.50 -16.47 12.25
C ILE A 122 -4.56 -16.49 13.78
N PRO A 123 -4.07 -17.57 14.43
CA PRO A 123 -4.26 -17.72 15.87
C PRO A 123 -3.44 -16.72 16.70
N VAL A 124 -4.04 -16.27 17.80
CA VAL A 124 -3.37 -15.36 18.73
C VAL A 124 -2.86 -16.13 19.95
N TRP A 125 -1.57 -15.99 20.19
CA TRP A 125 -0.83 -16.62 21.28
C TRP A 125 -0.23 -15.56 22.22
N SER A 126 0.18 -15.98 23.42
CA SER A 126 1.09 -15.20 24.23
C SER A 126 2.37 -16.01 24.38
N ALA A 127 3.52 -15.35 24.44
CA ALA A 127 4.81 -16.06 24.54
C ALA A 127 5.88 -15.31 25.31
N ASN A 128 6.83 -16.05 25.89
CA ASN A 128 7.87 -15.46 26.74
C ASN A 128 8.85 -14.57 25.98
N TYR A 129 9.10 -14.91 24.72
CA TYR A 129 10.16 -14.22 23.94
C TYR A 129 9.75 -12.82 23.43
N VAL A 130 8.47 -12.49 23.57
CA VAL A 130 7.95 -11.22 23.14
C VAL A 130 7.86 -10.32 24.36
N LEU A 131 8.63 -9.22 24.32
CA LEU A 131 8.68 -8.31 25.46
C LEU A 131 7.64 -7.21 25.29
N TYR A 132 6.95 -6.88 26.37
CA TYR A 132 5.94 -5.84 26.33
C TYR A 132 6.52 -4.49 25.85
N GLU A 133 7.79 -4.27 26.14
CA GLU A 133 8.47 -3.02 25.85
C GLU A 133 8.82 -2.83 24.37
N TYR A 134 8.85 -3.92 23.61
CA TYR A 134 9.08 -3.80 22.18
C TYR A 134 7.80 -3.35 21.49
N GLY A 135 7.86 -2.21 20.79
CA GLY A 135 6.70 -1.72 20.05
C GLY A 135 5.45 -1.56 20.88
N THR A 136 4.36 -2.19 20.42
CA THR A 136 3.08 -2.15 21.10
C THR A 136 2.94 -3.30 22.10
N GLY A 137 3.94 -4.15 22.18
CA GLY A 137 3.86 -5.34 23.04
C GLY A 137 3.13 -6.51 22.40
N ALA A 138 2.74 -6.34 21.14
CA ALA A 138 2.17 -7.43 20.33
C ALA A 138 2.86 -7.42 18.98
N ILE A 139 3.15 -8.60 18.47
CA ILE A 139 3.85 -8.71 17.19
C ILE A 139 3.07 -9.61 16.23
N MET A 140 3.25 -9.35 14.93
CA MET A 140 2.89 -10.34 13.93
C MET A 140 4.05 -11.30 13.76
N CYS A 141 3.72 -12.59 13.62
CA CYS A 141 4.76 -13.59 13.54
C CYS A 141 4.82 -14.22 12.16
N VAL A 142 6.02 -14.18 11.59
CA VAL A 142 6.28 -14.60 10.23
C VAL A 142 7.44 -15.60 10.31
N PRO A 143 7.12 -16.86 10.64
CA PRO A 143 8.18 -17.86 10.84
C PRO A 143 9.11 -18.06 9.64
N ALA A 144 8.61 -17.84 8.43
CA ALA A 144 9.45 -17.95 7.24
C ALA A 144 10.62 -16.97 7.24
N HIS A 145 10.47 -15.84 7.92
CA HIS A 145 11.40 -14.71 7.77
C HIS A 145 11.88 -14.09 9.08
N ASP A 146 11.52 -14.70 10.20
CA ASP A 146 11.96 -14.25 11.52
C ASP A 146 12.39 -15.50 12.30
N GLN A 147 13.67 -15.54 12.68
CA GLN A 147 14.24 -16.70 13.35
C GLN A 147 13.58 -17.02 14.69
N ARG A 148 13.29 -15.99 15.49
CA ARG A 148 12.58 -16.16 16.77
C ARG A 148 11.21 -16.80 16.50
N ASP A 149 10.51 -16.30 15.49
CA ASP A 149 9.17 -16.81 15.14
C ASP A 149 9.23 -18.22 14.56
N TRP A 150 10.29 -18.49 13.79
CA TRP A 150 10.48 -19.80 13.20
C TRP A 150 10.60 -20.86 14.29
N GLU A 151 11.42 -20.56 15.30
CA GLU A 151 11.66 -21.48 16.42
C GLU A 151 10.40 -21.73 17.25
N PHE A 152 9.62 -20.67 17.46
CA PHE A 152 8.34 -20.80 18.14
C PHE A 152 7.38 -21.67 17.32
N ALA A 153 7.33 -21.44 16.02
CA ALA A 153 6.44 -22.21 15.13
C ALA A 153 6.83 -23.69 15.10
N LYS A 154 8.14 -23.95 15.12
CA LYS A 154 8.66 -25.32 15.15
C LYS A 154 8.18 -26.06 16.41
N LYS A 155 8.31 -25.40 17.55
CA LYS A 155 7.92 -25.98 18.84
C LYS A 155 6.42 -26.23 18.92
N TYR A 156 5.62 -25.28 18.46
CA TYR A 156 4.18 -25.38 18.64
C TYR A 156 3.37 -25.73 17.38
N ASP A 157 4.05 -26.24 16.36
CA ASP A 157 3.38 -26.75 15.14
C ASP A 157 2.53 -25.70 14.41
N LEU A 158 3.09 -24.50 14.24
CA LEU A 158 2.41 -23.41 13.53
C LEU A 158 2.89 -23.30 12.07
N PRO A 159 2.00 -22.85 11.14
CA PRO A 159 2.29 -22.76 9.72
C PRO A 159 3.45 -21.83 9.35
N ILE A 160 4.20 -22.24 8.34
CA ILE A 160 5.27 -21.43 7.78
C ILE A 160 4.80 -21.02 6.39
N LYS A 161 4.81 -19.71 6.12
CA LYS A 161 4.35 -19.18 4.84
C LYS A 161 5.41 -18.25 4.24
N VAL A 162 5.96 -18.64 3.10
CA VAL A 162 6.99 -17.83 2.44
C VAL A 162 6.37 -16.65 1.69
N VAL A 163 6.87 -15.44 1.97
CA VAL A 163 6.43 -14.24 1.24
C VAL A 163 7.56 -13.40 0.64
N VAL A 164 8.80 -13.65 1.07
CA VAL A 164 9.97 -12.98 0.51
C VAL A 164 10.87 -14.07 -0.04
N LYS A 165 10.94 -14.15 -1.36
CA LYS A 165 11.72 -15.19 -2.00
C LYS A 165 13.15 -14.75 -2.27
N PRO A 166 14.15 -15.45 -1.70
CA PRO A 166 15.54 -15.20 -2.03
C PRO A 166 15.85 -15.69 -3.45
N GLU A 167 16.88 -15.12 -4.05
CA GLU A 167 17.30 -15.52 -5.40
C GLU A 167 17.95 -16.90 -5.42
N GLY A 168 18.68 -17.21 -4.36
CA GLY A 168 19.32 -18.51 -4.21
C GLY A 168 18.44 -19.47 -3.45
N ALA A 169 18.85 -20.74 -3.41
CA ALA A 169 18.12 -21.79 -2.71
C ALA A 169 18.01 -21.49 -1.21
N TRP A 170 16.93 -21.96 -0.60
CA TRP A 170 16.74 -21.88 0.84
C TRP A 170 15.74 -22.95 1.27
N ASP A 171 16.13 -23.71 2.28
CA ASP A 171 15.24 -24.69 2.89
C ASP A 171 14.59 -24.04 4.11
N PHE A 172 13.32 -23.64 3.95
CA PHE A 172 12.58 -23.03 5.05
C PHE A 172 12.23 -24.01 6.17
N GLU A 173 12.54 -25.29 5.94
CA GLU A 173 12.40 -26.30 6.97
C GLU A 173 13.67 -26.46 7.82
N LYS A 174 14.58 -25.49 7.70
CA LYS A 174 15.82 -25.49 8.49
C LYS A 174 16.08 -24.18 9.22
N GLY A 175 15.49 -23.10 8.72
CA GLY A 175 15.63 -21.79 9.36
C GLY A 175 14.89 -20.72 8.60
N ALA A 176 14.76 -19.55 9.21
CA ALA A 176 14.08 -18.40 8.60
C ALA A 176 15.05 -17.65 7.69
N TYR A 177 14.53 -17.19 6.56
CA TYR A 177 15.30 -16.32 5.67
C TYR A 177 15.01 -14.87 6.02
N GLU A 178 15.99 -14.18 6.58
CA GLU A 178 15.74 -12.82 7.09
C GLU A 178 16.15 -11.68 6.15
N GLY A 179 16.69 -12.03 4.98
CA GLY A 179 17.21 -11.04 4.03
C GLY A 179 16.21 -10.48 3.03
N LYS A 180 16.73 -9.86 1.97
CA LYS A 180 15.89 -9.23 0.95
C LYS A 180 15.48 -10.24 -0.14
N GLY A 181 14.40 -9.93 -0.86
CA GLY A 181 13.95 -10.77 -1.95
C GLY A 181 12.84 -10.14 -2.77
N THR A 182 12.08 -10.95 -3.48
CA THR A 182 10.89 -10.47 -4.17
C THR A 182 9.67 -11.13 -3.55
N LEU A 183 8.58 -10.40 -3.49
CA LEU A 183 7.40 -10.91 -2.82
C LEU A 183 6.70 -12.01 -3.59
N VAL A 184 6.20 -12.99 -2.83
CA VAL A 184 5.32 -14.04 -3.31
C VAL A 184 4.22 -14.18 -2.26
N ASN A 185 3.13 -14.85 -2.62
CA ASN A 185 2.00 -15.04 -1.69
C ASN A 185 1.49 -13.72 -1.10
N SER A 186 1.66 -12.65 -1.88
CA SER A 186 1.36 -11.31 -1.39
C SER A 186 0.38 -10.60 -2.32
N ASP A 187 -0.51 -11.38 -2.94
CA ASP A 187 -1.57 -10.84 -3.79
C ASP A 187 -1.04 -9.76 -4.75
N GLY A 188 -1.59 -8.54 -4.66
CA GLY A 188 -1.24 -7.45 -5.58
C GLY A 188 0.18 -6.93 -5.52
N PHE A 189 0.92 -7.33 -4.49
CA PHE A 189 2.31 -6.91 -4.30
C PHE A 189 3.33 -7.94 -4.78
N ASP A 190 2.83 -9.07 -5.30
CA ASP A 190 3.70 -10.12 -5.86
C ASP A 190 4.69 -9.57 -6.89
N GLY A 191 5.95 -9.96 -6.76
CA GLY A 191 7.00 -9.55 -7.67
C GLY A 191 7.78 -8.32 -7.27
N LEU A 192 7.26 -7.55 -6.31
CA LEU A 192 7.97 -6.36 -5.82
C LEU A 192 9.20 -6.76 -5.03
N ASP A 193 10.28 -5.97 -5.18
CA ASP A 193 11.43 -6.07 -4.30
C ASP A 193 10.98 -5.72 -2.90
N SER A 194 11.50 -6.46 -1.93
CA SER A 194 10.95 -6.38 -0.58
C SER A 194 11.12 -5.01 0.07
N GLU A 195 12.22 -4.31 -0.24
CA GLU A 195 12.39 -2.95 0.30
C GLU A 195 11.32 -1.98 -0.21
N THR A 196 11.06 -2.02 -1.52
CA THR A 196 9.98 -1.24 -2.12
C THR A 196 8.62 -1.61 -1.52
N ALA A 197 8.42 -2.91 -1.30
CA ALA A 197 7.18 -3.42 -0.74
C ALA A 197 6.90 -2.89 0.67
N LYS A 198 7.95 -2.63 1.45
CA LYS A 198 7.76 -2.03 2.77
C LYS A 198 6.93 -0.76 2.67
N ARG A 199 7.34 0.14 1.78
CA ARG A 199 6.63 1.39 1.55
C ARG A 199 5.24 1.20 0.96
N LYS A 200 5.17 0.41 -0.10
CA LYS A 200 3.91 0.25 -0.84
C LYS A 200 2.85 -0.39 0.03
N ILE A 201 3.22 -1.43 0.78
CA ILE A 201 2.29 -2.09 1.69
C ILE A 201 1.85 -1.17 2.84
N THR A 202 2.81 -0.45 3.40
CA THR A 202 2.51 0.46 4.50
C THR A 202 1.55 1.56 4.03
N GLU A 203 1.80 2.14 2.86
CA GLU A 203 0.89 3.19 2.36
C GLU A 203 -0.51 2.67 2.10
N TRP A 204 -0.61 1.46 1.56
CA TRP A 204 -1.90 0.82 1.28
C TRP A 204 -2.70 0.61 2.57
N LEU A 205 -2.05 0.04 3.57
CA LEU A 205 -2.70 -0.12 4.86
C LEU A 205 -3.11 1.22 5.46
N GLN A 206 -2.25 2.22 5.32
CA GLN A 206 -2.51 3.55 5.87
C GLN A 206 -3.69 4.20 5.17
N ASP A 207 -3.76 4.04 3.84
CA ASP A 207 -4.90 4.52 3.04
C ASP A 207 -6.21 3.90 3.52
N ARG A 208 -6.13 2.67 3.99
CA ARG A 208 -7.28 1.90 4.46
C ARG A 208 -7.57 2.08 5.95
N GLY A 209 -6.78 2.91 6.62
CA GLY A 209 -6.92 3.13 8.06
C GLY A 209 -6.54 1.95 8.94
N LEU A 210 -5.73 1.03 8.39
CA LEU A 210 -5.34 -0.19 9.09
C LEU A 210 -3.82 -0.30 9.31
N GLY A 211 -3.14 0.83 9.18
CA GLY A 211 -1.71 0.90 9.42
C GLY A 211 -1.22 2.33 9.40
N GLU A 212 0.00 2.54 9.88
CA GLU A 212 0.68 3.81 9.69
C GLU A 212 2.20 3.69 9.72
N LYS A 213 2.88 4.55 8.96
CA LYS A 213 4.34 4.62 9.00
C LYS A 213 4.77 5.01 10.40
N LYS A 214 5.74 4.29 10.97
CA LYS A 214 6.22 4.56 12.33
C LYS A 214 7.71 4.24 12.49
N GLU B 4 11.10 20.34 -3.18
CA GLU B 4 9.94 19.55 -2.66
C GLU B 4 8.92 19.24 -3.76
N GLY B 5 7.76 18.76 -3.37
CA GLY B 5 6.74 18.39 -4.34
C GLY B 5 5.32 18.51 -3.86
N ALA B 6 4.43 17.82 -4.57
CA ALA B 6 3.02 17.81 -4.25
C ALA B 6 2.47 16.44 -4.59
N LEU B 7 1.46 16.04 -3.85
CA LEU B 7 0.59 14.96 -4.30
C LEU B 7 -0.59 15.63 -4.98
N ILE B 8 -0.97 15.16 -6.16
CA ILE B 8 -2.14 15.67 -6.88
C ILE B 8 -3.07 14.51 -7.15
N ARG B 9 -4.34 14.68 -6.82
CA ARG B 9 -5.31 13.62 -7.03
C ARG B 9 -6.03 13.79 -8.36
N PHE B 10 -5.50 13.12 -9.40
CA PHE B 10 -6.27 12.96 -10.64
C PHE B 10 -7.34 11.93 -10.33
N TYR B 11 -8.37 11.87 -11.15
CA TYR B 11 -9.38 10.84 -10.93
C TYR B 11 -10.07 10.48 -12.22
N VAL B 12 -10.51 9.25 -12.29
CA VAL B 12 -11.41 8.85 -13.36
C VAL B 12 -12.85 8.96 -12.85
N GLU B 13 -13.64 9.79 -13.53
CA GLU B 13 -15.06 9.93 -13.23
C GLU B 13 -15.80 8.71 -13.75
N ILE B 14 -16.68 8.15 -12.92
CA ILE B 14 -17.50 7.01 -13.31
C ILE B 14 -18.95 7.39 -13.10
N GLU B 15 -19.65 7.64 -14.20
CA GLU B 15 -21.03 8.10 -14.17
C GLU B 15 -21.99 7.05 -13.62
N GLU B 16 -21.66 5.79 -13.84
CA GLU B 16 -22.52 4.67 -13.42
C GLU B 16 -21.72 3.66 -12.58
N PRO B 17 -21.43 4.01 -11.30
CA PRO B 17 -20.56 3.17 -10.48
C PRO B 17 -21.02 1.72 -10.34
N GLU B 18 -22.33 1.48 -10.30
CA GLU B 18 -22.83 0.12 -10.11
C GLU B 18 -22.43 -0.79 -11.27
N LYS B 19 -22.22 -0.20 -12.44
CA LYS B 19 -21.85 -0.97 -13.64
C LYS B 19 -20.39 -1.38 -13.63
N PHE B 20 -19.60 -0.76 -12.76
CA PHE B 20 -18.17 -0.99 -12.78
C PHE B 20 -17.63 -1.51 -11.45
N LEU B 21 -18.55 -1.87 -10.56
CA LEU B 21 -18.19 -2.20 -9.19
C LEU B 21 -17.25 -3.40 -9.09
N ASN B 22 -17.47 -4.44 -9.90
CA ASN B 22 -16.62 -5.64 -9.85
C ASN B 22 -15.25 -5.46 -10.51
N CYS B 23 -14.98 -4.27 -11.03
CA CYS B 23 -13.67 -3.93 -11.57
C CYS B 23 -12.72 -3.45 -10.49
N VAL B 24 -13.28 -3.06 -9.34
CA VAL B 24 -12.46 -2.41 -8.31
C VAL B 24 -12.33 -3.27 -7.07
N PRO B 25 -11.16 -3.23 -6.40
CA PRO B 25 -11.00 -3.94 -5.14
C PRO B 25 -11.90 -3.38 -4.05
N GLU B 26 -12.20 -4.22 -3.07
CA GLU B 26 -13.11 -3.88 -1.98
C GLU B 26 -12.82 -2.51 -1.39
N GLU B 27 -11.54 -2.20 -1.18
CA GLU B 27 -11.15 -0.99 -0.46
C GLU B 27 -11.45 0.30 -1.25
N LEU B 28 -11.77 0.18 -2.54
CA LEU B 28 -12.10 1.33 -3.38
C LEU B 28 -13.60 1.49 -3.68
N LYS B 29 -14.39 0.50 -3.29
CA LYS B 29 -15.81 0.48 -3.65
C LYS B 29 -16.59 1.63 -3.04
N GLU B 30 -16.33 1.93 -1.77
CA GLU B 30 -17.05 3.02 -1.10
C GLU B 30 -16.83 4.39 -1.77
N THR B 31 -15.57 4.72 -2.08
CA THR B 31 -15.27 5.94 -2.84
C THR B 31 -15.92 5.95 -4.23
N LEU B 32 -15.92 4.81 -4.90
CA LEU B 32 -16.54 4.72 -6.23
C LEU B 32 -18.04 5.04 -6.18
N LEU B 33 -18.74 4.44 -5.21
CA LEU B 33 -20.19 4.63 -5.09
C LEU B 33 -20.54 6.02 -4.57
N LYS B 34 -19.78 6.48 -3.58
CA LYS B 34 -20.03 7.77 -2.93
C LYS B 34 -19.62 8.97 -3.78
N GLU B 35 -18.42 8.91 -4.35
CA GLU B 35 -17.82 10.02 -5.09
C GLU B 35 -17.92 9.87 -6.60
N LYS B 36 -18.30 8.68 -7.08
CA LYS B 36 -18.32 8.37 -8.50
C LYS B 36 -16.94 8.65 -9.11
N ARG B 37 -15.90 8.30 -8.35
CA ARG B 37 -14.50 8.51 -8.76
C ARG B 37 -13.63 7.31 -8.41
N ILE B 38 -12.60 7.12 -9.23
CA ILE B 38 -11.47 6.27 -8.86
C ILE B 38 -10.27 7.18 -8.93
N TYR B 39 -9.61 7.42 -7.79
CA TYR B 39 -8.49 8.34 -7.74
C TYR B 39 -7.19 7.73 -8.26
N ILE B 40 -6.44 8.56 -8.98
CA ILE B 40 -5.08 8.26 -9.40
C ILE B 40 -4.19 9.32 -8.77
N ASP B 41 -3.64 9.00 -7.61
CA ASP B 41 -2.76 9.95 -6.91
C ASP B 41 -1.42 9.98 -7.60
N VAL B 42 -0.92 11.18 -7.87
CA VAL B 42 0.41 11.32 -8.49
C VAL B 42 1.30 12.22 -7.63
N PHE B 43 2.57 11.86 -7.52
CA PHE B 43 3.55 12.76 -6.91
C PHE B 43 4.27 13.50 -8.02
N THR B 44 4.44 14.81 -7.85
CA THR B 44 5.16 15.64 -8.81
C THR B 44 5.98 16.74 -8.14
N THR B 45 7.18 16.99 -8.65
CA THR B 45 7.96 18.15 -8.22
C THR B 45 7.65 19.37 -9.08
N ARG B 46 6.70 19.22 -10.01
CA ARG B 46 6.32 20.31 -10.90
C ARG B 46 4.79 20.57 -10.89
N PRO B 47 4.22 20.86 -9.71
CA PRO B 47 2.78 21.14 -9.68
C PRO B 47 2.45 22.39 -10.48
N ASP B 48 3.45 23.24 -10.74
CA ASP B 48 3.30 24.41 -11.59
C ASP B 48 2.91 24.07 -13.03
N THR B 49 3.05 22.79 -13.40
CA THR B 49 2.82 22.37 -14.77
C THR B 49 1.53 21.54 -14.93
N VAL B 50 0.74 21.44 -13.86
CA VAL B 50 -0.47 20.61 -13.85
C VAL B 50 -1.44 20.90 -15.00
N PHE B 51 -1.63 22.18 -15.35
CA PHE B 51 -2.54 22.52 -16.45
C PHE B 51 -2.07 21.94 -17.79
N GLY B 52 -0.80 21.56 -17.86
CA GLY B 52 -0.21 21.03 -19.08
C GLY B 52 -0.21 19.51 -19.15
N ALA B 53 -0.82 18.86 -18.16
CA ALA B 53 -0.90 17.40 -18.15
C ALA B 53 -1.92 16.96 -19.17
N THR B 54 -1.46 16.24 -20.20
CA THR B 54 -2.29 15.86 -21.35
C THR B 54 -2.52 14.35 -21.40
N PHE B 55 -1.90 13.65 -20.46
CA PHE B 55 -2.18 12.24 -20.23
C PHE B 55 -1.58 11.82 -18.89
N VAL B 56 -1.90 10.60 -18.47
CA VAL B 56 -1.44 10.06 -17.19
C VAL B 56 -0.82 8.72 -17.53
N VAL B 57 0.32 8.40 -16.92
CA VAL B 57 0.93 7.07 -17.12
C VAL B 57 1.12 6.37 -15.79
N LEU B 58 0.64 5.13 -15.72
CA LEU B 58 0.88 4.26 -14.59
C LEU B 58 2.04 3.32 -14.90
N ALA B 59 2.90 3.08 -13.91
CA ALA B 59 3.92 2.03 -14.07
C ALA B 59 3.24 0.70 -14.37
N PRO B 60 3.91 -0.20 -15.14
CA PRO B 60 3.26 -1.47 -15.50
C PRO B 60 2.78 -2.27 -14.28
N GLU B 61 3.49 -2.15 -13.16
CA GLU B 61 3.20 -2.90 -11.93
C GLU B 61 2.19 -2.23 -11.01
N HIS B 62 1.73 -1.04 -11.39
CA HIS B 62 0.77 -0.31 -10.56
C HIS B 62 -0.54 -1.12 -10.45
N PRO B 63 -1.06 -1.32 -9.22
CA PRO B 63 -2.29 -2.06 -8.97
C PRO B 63 -3.53 -1.58 -9.73
N LEU B 64 -3.55 -0.30 -10.09
CA LEU B 64 -4.69 0.25 -10.81
C LEU B 64 -4.67 -0.05 -12.31
N VAL B 65 -3.57 -0.60 -12.82
CA VAL B 65 -3.53 -0.93 -14.24
C VAL B 65 -4.65 -1.92 -14.63
N PRO B 66 -4.71 -3.10 -13.98
CA PRO B 66 -5.81 -4.03 -14.34
C PRO B 66 -7.20 -3.48 -14.00
N VAL B 67 -7.26 -2.64 -12.96
CA VAL B 67 -8.54 -2.07 -12.53
C VAL B 67 -9.07 -1.13 -13.61
N LEU B 68 -8.23 -0.20 -14.05
CA LEU B 68 -8.63 0.76 -15.08
C LEU B 68 -8.85 0.08 -16.42
N ALA B 69 -8.04 -0.93 -16.73
CA ALA B 69 -8.22 -1.74 -17.95
C ALA B 69 -9.56 -2.46 -17.97
N CYS B 70 -9.97 -2.98 -16.82
CA CYS B 70 -11.29 -3.59 -16.66
C CYS B 70 -12.38 -2.59 -17.07
N ILE B 71 -12.25 -1.37 -16.58
CA ILE B 71 -13.22 -0.31 -16.89
C ILE B 71 -13.17 0.06 -18.36
N GLY B 72 -11.97 0.21 -18.90
CA GLY B 72 -11.77 0.53 -20.31
C GLY B 72 -12.29 -0.52 -21.25
N GLU B 73 -12.12 -1.79 -20.90
CA GLU B 73 -12.75 -2.89 -21.66
C GLU B 73 -14.27 -2.69 -21.72
N ARG B 74 -14.85 -2.45 -20.55
CA ARG B 74 -16.31 -2.36 -20.40
C ARG B 74 -16.88 -1.13 -21.12
N LEU B 75 -16.06 -0.08 -21.26
CA LEU B 75 -16.42 1.10 -22.03
C LEU B 75 -16.21 0.91 -23.54
N GLY B 76 -15.49 -0.15 -23.91
CA GLY B 76 -15.21 -0.46 -25.30
C GLY B 76 -14.01 0.24 -25.90
N ASN B 77 -13.14 0.79 -25.04
CA ASN B 77 -11.99 1.60 -25.45
C ASN B 77 -10.63 0.90 -25.35
N ALA B 78 -10.61 -0.29 -24.75
CA ALA B 78 -9.35 -1.00 -24.57
C ALA B 78 -9.53 -2.49 -24.68
N CYS B 79 -8.43 -3.14 -25.03
CA CYS B 79 -8.36 -4.60 -25.08
C CYS B 79 -7.71 -5.09 -23.80
N TYR B 80 -8.50 -5.74 -22.95
CA TYR B 80 -8.00 -6.16 -21.66
C TYR B 80 -6.77 -7.09 -21.76
N SER B 81 -6.83 -8.07 -22.65
CA SER B 81 -5.74 -9.03 -22.79
C SER B 81 -4.46 -8.34 -23.28
N ASP B 82 -4.60 -7.29 -24.10
CA ASP B 82 -3.42 -6.54 -24.57
C ASP B 82 -2.71 -5.83 -23.41
N VAL B 83 -3.51 -5.28 -22.50
CA VAL B 83 -2.97 -4.65 -21.31
C VAL B 83 -2.30 -5.70 -20.43
N GLU B 84 -2.99 -6.81 -20.21
CA GLU B 84 -2.45 -7.91 -19.40
C GLU B 84 -1.12 -8.40 -19.95
N ASN B 85 -1.08 -8.54 -21.26
CA ASN B 85 0.13 -9.00 -21.96
C ASN B 85 1.28 -8.02 -21.78
N PHE B 86 0.96 -6.73 -21.87
CA PHE B 86 1.96 -5.69 -21.68
C PHE B 86 2.56 -5.77 -20.26
N VAL B 87 1.68 -5.91 -19.26
CA VAL B 87 2.11 -5.96 -17.85
C VAL B 87 3.03 -7.17 -17.64
N GLU B 88 2.63 -8.32 -18.20
CA GLU B 88 3.39 -9.55 -18.11
C GLU B 88 4.79 -9.41 -18.71
N LYS B 89 4.88 -8.78 -19.88
CA LYS B 89 6.17 -8.56 -20.56
C LYS B 89 7.06 -7.67 -19.71
N MET B 90 6.51 -6.55 -19.23
CA MET B 90 7.31 -5.59 -18.44
C MET B 90 7.82 -6.19 -17.13
N LYS B 91 7.00 -6.99 -16.48
CA LYS B 91 7.35 -7.57 -15.18
C LYS B 91 8.53 -8.54 -15.27
N LYS B 92 8.78 -9.05 -16.47
CA LYS B 92 9.92 -9.94 -16.71
C LYS B 92 11.24 -9.20 -16.82
N MET B 93 11.17 -7.89 -17.05
CA MET B 93 12.35 -7.11 -17.30
C MET B 93 12.92 -6.41 -16.07
N SER B 94 14.23 -6.32 -16.04
CA SER B 94 14.93 -5.61 -14.98
C SER B 94 14.84 -4.11 -15.22
N THR B 95 15.23 -3.34 -14.21
CA THR B 95 15.20 -1.88 -14.34
C THR B 95 16.03 -1.45 -15.56
N ARG B 96 17.22 -2.01 -15.68
CA ARG B 96 18.11 -1.73 -16.81
C ARG B 96 17.43 -2.07 -18.13
N GLU B 97 16.83 -3.24 -18.21
CA GLU B 97 16.22 -3.66 -19.46
C GLU B 97 15.10 -2.70 -19.82
N ARG B 98 14.34 -2.26 -18.82
CA ARG B 98 13.31 -1.27 -19.04
C ARG B 98 13.89 0.13 -19.31
N THR B 99 14.97 0.48 -18.61
CA THR B 99 15.59 1.81 -18.72
C THR B 99 16.35 1.96 -20.03
N MET B 100 16.99 0.88 -20.46
CA MET B 100 17.96 0.91 -21.56
C MET B 100 17.30 0.81 -22.93
N GLU B 101 16.00 0.57 -22.96
CA GLU B 101 15.29 0.62 -24.23
C GLU B 101 15.01 2.06 -24.65
N GLU B 102 15.56 2.44 -25.79
CA GLU B 102 15.42 3.79 -26.34
C GLU B 102 13.95 4.06 -26.60
N ASP B 103 13.29 3.07 -27.19
CA ASP B 103 11.91 3.17 -27.61
C ASP B 103 10.94 3.13 -26.44
N LYS B 104 10.08 4.14 -26.36
CA LYS B 104 8.99 4.15 -25.42
C LYS B 104 8.03 3.03 -25.82
N GLU B 105 7.38 2.41 -24.84
CA GLU B 105 6.47 1.33 -25.15
C GLU B 105 5.35 1.42 -24.13
N GLY B 106 4.13 1.53 -24.62
CA GLY B 106 2.99 1.65 -23.73
C GLY B 106 1.70 1.12 -24.30
N VAL B 107 0.68 1.10 -23.44
CA VAL B 107 -0.67 0.69 -23.83
C VAL B 107 -1.70 1.64 -23.24
N PHE B 108 -2.74 1.92 -24.01
CA PHE B 108 -3.84 2.72 -23.54
C PHE B 108 -4.78 1.87 -22.68
N LEU B 109 -5.15 2.38 -21.51
CA LEU B 109 -6.02 1.63 -20.59
C LEU B 109 -7.52 1.79 -20.86
N GLY B 110 -7.87 2.69 -21.76
CA GLY B 110 -9.25 2.82 -22.21
C GLY B 110 -10.10 3.74 -21.34
N VAL B 111 -9.47 4.43 -20.39
CA VAL B 111 -10.17 5.41 -19.57
C VAL B 111 -9.50 6.75 -19.67
N TYR B 112 -10.27 7.79 -19.30
CA TYR B 112 -9.80 9.15 -19.31
C TYR B 112 -9.89 9.72 -17.90
N ALA B 113 -8.76 10.19 -17.38
CA ALA B 113 -8.75 10.85 -16.09
C ALA B 113 -9.19 12.29 -16.27
N THR B 114 -9.79 12.84 -15.24
CA THR B 114 -10.06 14.26 -15.21
C THR B 114 -8.86 14.95 -14.58
N ASN B 115 -8.31 15.92 -15.31
CA ASN B 115 -7.27 16.79 -14.79
C ASN B 115 -7.94 17.71 -13.76
N PRO B 116 -7.51 17.64 -12.49
CA PRO B 116 -8.20 18.36 -11.41
C PRO B 116 -8.03 19.88 -11.52
N ALA B 117 -7.06 20.31 -12.32
CA ALA B 117 -6.77 21.74 -12.45
C ALA B 117 -7.71 22.41 -13.46
N ASN B 118 -7.96 21.76 -14.60
CA ASN B 118 -8.70 22.37 -15.69
C ASN B 118 -9.93 21.58 -16.16
N GLY B 119 -10.14 20.41 -15.55
CA GLY B 119 -11.30 19.55 -15.84
C GLY B 119 -11.25 18.81 -17.16
N GLU B 120 -10.15 18.96 -17.91
CA GLU B 120 -10.00 18.30 -19.20
C GLU B 120 -9.84 16.82 -19.01
N LYS B 121 -10.39 16.05 -19.95
CA LYS B 121 -10.32 14.58 -19.91
C LYS B 121 -9.09 14.15 -20.66
N ILE B 122 -8.23 13.40 -19.97
CA ILE B 122 -6.94 13.02 -20.55
C ILE B 122 -6.75 11.51 -20.44
N PRO B 123 -6.18 10.87 -21.50
CA PRO B 123 -6.13 9.42 -21.52
C PRO B 123 -5.16 8.84 -20.49
N VAL B 124 -5.51 7.69 -19.92
CA VAL B 124 -4.61 7.02 -18.97
C VAL B 124 -3.94 5.84 -19.67
N TRP B 125 -2.62 5.83 -19.61
CA TRP B 125 -1.78 4.81 -20.27
C TRP B 125 -0.96 4.06 -19.22
N SER B 126 -0.41 2.91 -19.59
CA SER B 126 0.73 2.34 -18.82
C SER B 126 1.91 2.33 -19.77
N ALA B 127 3.12 2.56 -19.24
CA ALA B 127 4.31 2.59 -20.11
C ALA B 127 5.59 2.08 -19.43
N ASN B 128 6.55 1.67 -20.26
CA ASN B 128 7.80 1.12 -19.78
C ASN B 128 8.62 2.11 -18.95
N TYR B 129 8.49 3.39 -19.28
CA TYR B 129 9.45 4.40 -18.79
C TYR B 129 9.14 4.96 -17.40
N VAL B 130 8.02 4.54 -16.84
CA VAL B 130 7.58 5.00 -15.52
C VAL B 130 7.83 3.85 -14.54
N LEU B 131 8.66 4.12 -13.53
CA LEU B 131 8.95 3.11 -12.53
C LEU B 131 7.95 3.17 -11.39
N TYR B 132 7.51 2.02 -10.94
CA TYR B 132 6.57 1.96 -9.82
C TYR B 132 7.22 2.52 -8.54
N GLU B 133 8.54 2.42 -8.48
CA GLU B 133 9.34 2.86 -7.32
C GLU B 133 9.38 4.38 -7.11
N TYR B 134 9.13 5.12 -8.18
CA TYR B 134 9.15 6.58 -8.12
C TYR B 134 7.79 7.14 -7.70
N GLY B 135 7.79 7.96 -6.66
CA GLY B 135 6.53 8.56 -6.21
C GLY B 135 5.45 7.55 -5.86
N THR B 136 4.26 7.74 -6.43
CA THR B 136 3.14 6.84 -6.22
C THR B 136 3.12 5.75 -7.29
N GLY B 137 4.06 5.81 -8.25
CA GLY B 137 4.09 4.89 -9.37
C GLY B 137 3.14 5.27 -10.49
N ALA B 138 2.54 6.45 -10.38
CA ALA B 138 1.74 7.02 -11.44
C ALA B 138 2.18 8.45 -11.59
N ILE B 139 2.26 8.92 -12.83
CA ILE B 139 2.68 10.30 -13.05
C ILE B 139 1.67 11.03 -13.91
N MET B 140 1.61 12.35 -13.73
CA MET B 140 0.97 13.20 -14.71
C MET B 140 2.02 13.50 -15.76
N CYS B 141 1.60 13.50 -17.02
CA CYS B 141 2.54 13.68 -18.11
C CYS B 141 2.34 15.01 -18.81
N VAL B 142 3.43 15.79 -18.88
CA VAL B 142 3.44 17.16 -19.41
C VAL B 142 4.52 17.22 -20.49
N PRO B 143 4.19 16.73 -21.69
CA PRO B 143 5.19 16.60 -22.76
C PRO B 143 5.90 17.91 -23.13
N ALA B 144 5.25 19.05 -22.97
CA ALA B 144 5.91 20.34 -23.25
C ALA B 144 7.07 20.63 -22.29
N HIS B 145 7.04 20.01 -21.10
CA HIS B 145 7.95 20.37 -20.02
C HIS B 145 8.72 19.22 -19.35
N ASP B 146 8.53 18.00 -19.85
CA ASP B 146 9.28 16.84 -19.39
C ASP B 146 9.70 16.04 -20.62
N GLN B 147 11.00 15.90 -20.82
CA GLN B 147 11.56 15.28 -22.02
C GLN B 147 11.12 13.82 -22.22
N ARG B 148 11.06 13.05 -21.13
CA ARG B 148 10.58 11.67 -21.22
C ARG B 148 9.13 11.64 -21.72
N ASP B 149 8.31 12.55 -21.19
CA ASP B 149 6.89 12.63 -21.59
C ASP B 149 6.78 13.10 -23.04
N TRP B 150 7.62 14.05 -23.43
CA TRP B 150 7.73 14.51 -24.82
C TRP B 150 7.99 13.33 -25.77
N GLU B 151 8.94 12.47 -25.41
CA GLU B 151 9.33 11.35 -26.28
C GLU B 151 8.19 10.35 -26.44
N PHE B 152 7.44 10.11 -25.35
CA PHE B 152 6.29 9.23 -25.39
C PHE B 152 5.14 9.83 -26.21
N ALA B 153 4.87 11.12 -26.01
CA ALA B 153 3.80 11.80 -26.74
C ALA B 153 4.08 11.87 -28.24
N LYS B 154 5.36 12.04 -28.61
CA LYS B 154 5.77 11.99 -30.02
C LYS B 154 5.52 10.59 -30.62
N LYS B 155 5.87 9.55 -29.87
CA LYS B 155 5.64 8.17 -30.36
C LYS B 155 4.16 7.84 -30.55
N TYR B 156 3.33 8.23 -29.58
CA TYR B 156 1.94 7.81 -29.54
C TYR B 156 0.91 8.89 -29.90
N ASP B 157 1.39 9.99 -30.49
CA ASP B 157 0.54 11.05 -31.02
C ASP B 157 -0.34 11.68 -29.95
N LEU B 158 0.26 12.00 -28.81
CA LEU B 158 -0.46 12.65 -27.72
C LEU B 158 -0.22 14.16 -27.75
N PRO B 159 -1.21 14.94 -27.27
CA PRO B 159 -1.15 16.40 -27.33
C PRO B 159 -0.02 17.01 -26.52
N ILE B 160 0.54 18.11 -27.03
CA ILE B 160 1.57 18.88 -26.35
C ILE B 160 0.95 20.23 -26.04
N LYS B 161 0.99 20.61 -24.76
CA LYS B 161 0.36 21.84 -24.32
C LYS B 161 1.35 22.64 -23.46
N VAL B 162 1.75 23.81 -23.97
CA VAL B 162 2.69 24.64 -23.23
C VAL B 162 2.00 25.39 -22.09
N VAL B 163 2.59 25.34 -20.89
CA VAL B 163 2.04 26.05 -19.72
C VAL B 163 3.07 26.85 -18.95
N VAL B 164 4.34 26.58 -19.20
CA VAL B 164 5.44 27.38 -18.64
C VAL B 164 6.16 28.05 -19.82
N LYS B 165 5.88 29.34 -20.00
CA LYS B 165 6.47 30.13 -21.08
C LYS B 165 7.87 30.59 -20.70
N PRO B 166 8.88 30.17 -21.49
CA PRO B 166 10.24 30.66 -21.24
C PRO B 166 10.39 32.11 -21.68
N GLU B 167 11.27 32.86 -21.01
CA GLU B 167 11.62 34.20 -21.47
C GLU B 167 12.33 34.15 -22.81
N GLY B 168 13.15 33.11 -22.98
CA GLY B 168 13.87 32.89 -24.23
C GLY B 168 12.97 32.25 -25.26
N ALA B 169 13.41 32.25 -26.51
CA ALA B 169 12.72 31.55 -27.58
C ALA B 169 12.90 30.05 -27.39
N TRP B 170 11.84 29.29 -27.68
CA TRP B 170 11.92 27.83 -27.54
C TRP B 170 11.08 27.13 -28.59
N ASP B 171 11.68 26.13 -29.22
CA ASP B 171 10.98 25.31 -30.20
C ASP B 171 10.49 24.03 -29.53
N PHE B 172 9.21 24.02 -29.19
CA PHE B 172 8.59 22.87 -28.52
C PHE B 172 8.35 21.68 -29.46
N GLU B 173 8.50 21.91 -30.76
CA GLU B 173 8.44 20.83 -31.75
C GLU B 173 9.72 19.99 -31.76
N LYS B 174 10.77 20.49 -31.11
CA LYS B 174 12.05 19.78 -31.09
C LYS B 174 12.41 19.16 -29.75
N GLY B 175 11.85 19.68 -28.66
CA GLY B 175 12.12 19.13 -27.34
C GLY B 175 11.37 19.85 -26.24
N ALA B 176 11.40 19.29 -25.04
CA ALA B 176 10.70 19.87 -23.90
C ALA B 176 11.47 21.03 -23.29
N TYR B 177 10.75 22.03 -22.83
CA TYR B 177 11.36 23.11 -22.06
C TYR B 177 11.18 22.76 -20.58
N GLU B 178 12.28 22.47 -19.90
CA GLU B 178 12.19 21.99 -18.51
C GLU B 178 12.49 23.05 -17.45
N GLY B 179 12.70 24.30 -17.88
CA GLY B 179 13.11 25.38 -16.99
C GLY B 179 11.98 26.21 -16.40
N LYS B 180 12.34 27.34 -15.81
CA LYS B 180 11.37 28.23 -15.18
C LYS B 180 10.79 29.21 -16.19
N GLY B 181 9.62 29.76 -15.86
CA GLY B 181 8.97 30.71 -16.74
C GLY B 181 7.75 31.35 -16.15
N THR B 182 6.85 31.76 -17.05
CA THR B 182 5.59 32.42 -16.70
C THR B 182 4.49 31.49 -17.13
N LEU B 183 3.46 31.33 -16.28
CA LEU B 183 2.35 30.46 -16.62
C LEU B 183 1.45 30.99 -17.73
N VAL B 184 1.13 30.09 -18.65
CA VAL B 184 0.18 30.33 -19.73
C VAL B 184 -0.72 29.12 -19.80
N ASN B 185 -1.89 29.26 -20.42
CA ASN B 185 -2.85 28.15 -20.56
C ASN B 185 -3.19 27.50 -19.21
N SER B 186 -3.11 28.30 -18.16
CA SER B 186 -3.31 27.80 -16.79
C SER B 186 -4.42 28.55 -16.07
N ASP B 187 -5.45 28.89 -16.84
CA ASP B 187 -6.66 29.50 -16.29
C ASP B 187 -6.36 30.70 -15.37
N GLY B 188 -6.81 30.66 -14.12
CA GLY B 188 -6.63 31.78 -13.20
C GLY B 188 -5.21 32.01 -12.71
N PHE B 189 -4.31 31.09 -13.03
CA PHE B 189 -2.91 31.21 -12.61
C PHE B 189 -2.01 31.78 -13.70
N ASP B 190 -2.62 32.19 -14.82
CA ASP B 190 -1.86 32.79 -15.91
C ASP B 190 -1.11 34.02 -15.43
N GLY B 191 0.15 34.14 -15.85
CA GLY B 191 0.96 35.30 -15.51
C GLY B 191 1.87 35.14 -14.30
N LEU B 192 1.61 34.12 -13.47
CA LEU B 192 2.45 33.84 -12.31
C LEU B 192 3.80 33.32 -12.76
N ASP B 193 4.85 33.70 -12.03
CA ASP B 193 6.13 33.05 -12.24
C ASP B 193 5.99 31.59 -11.79
N SER B 194 6.71 30.70 -12.46
CA SER B 194 6.48 29.27 -12.26
C SER B 194 6.77 28.76 -10.83
N GLU B 195 7.81 29.28 -10.18
CA GLU B 195 8.08 28.87 -8.81
C GLU B 195 6.96 29.25 -7.84
N THR B 196 6.42 30.47 -8.00
CA THR B 196 5.29 30.93 -7.20
C THR B 196 4.06 30.07 -7.44
N ALA B 197 3.84 29.70 -8.69
CA ALA B 197 2.67 28.90 -9.06
C ALA B 197 2.69 27.52 -8.41
N LYS B 198 3.89 26.98 -8.16
CA LYS B 198 3.96 25.68 -7.47
C LYS B 198 3.17 25.73 -6.19
N ARG B 199 3.46 26.76 -5.40
CA ARG B 199 2.83 27.01 -4.13
C ARG B 199 1.33 27.26 -4.27
N LYS B 200 0.99 28.21 -5.13
CA LYS B 200 -0.38 28.70 -5.25
C LYS B 200 -1.34 27.61 -5.79
N ILE B 201 -0.87 26.84 -6.76
CA ILE B 201 -1.68 25.77 -7.36
C ILE B 201 -1.89 24.66 -6.34
N THR B 202 -0.83 24.31 -5.62
CA THR B 202 -0.95 23.23 -4.65
C THR B 202 -1.94 23.60 -3.53
N GLU B 203 -1.86 24.83 -3.05
CA GLU B 203 -2.76 25.30 -1.98
C GLU B 203 -4.21 25.27 -2.42
N TRP B 204 -4.44 25.67 -3.68
CA TRP B 204 -5.78 25.67 -4.29
C TRP B 204 -6.30 24.23 -4.47
N LEU B 205 -5.47 23.34 -4.97
CA LEU B 205 -5.85 21.93 -5.04
C LEU B 205 -6.21 21.35 -3.67
N GLN B 206 -5.40 21.66 -2.66
CA GLN B 206 -5.68 21.17 -1.32
C GLN B 206 -7.01 21.67 -0.77
N ASP B 207 -7.32 22.94 -1.01
CA ASP B 207 -8.61 23.50 -0.58
C ASP B 207 -9.78 22.71 -1.20
N ARG B 208 -9.53 22.13 -2.36
CA ARG B 208 -10.52 21.35 -3.11
C ARG B 208 -10.49 19.85 -2.80
N GLY B 209 -9.58 19.46 -1.92
CA GLY B 209 -9.41 18.05 -1.53
C GLY B 209 -8.69 17.24 -2.60
N LEU B 210 -7.88 17.91 -3.40
CA LEU B 210 -7.30 17.29 -4.59
C LEU B 210 -5.78 17.38 -4.66
N GLY B 211 -5.16 17.68 -3.52
CA GLY B 211 -3.70 17.70 -3.49
C GLY B 211 -3.15 18.13 -2.16
N GLU B 212 -1.83 18.03 -2.03
CA GLU B 212 -1.15 18.54 -0.84
C GLU B 212 0.34 18.67 -1.10
N LYS B 213 0.99 19.46 -0.26
CA LYS B 213 2.43 19.64 -0.36
C LYS B 213 3.09 18.40 0.22
N LYS B 214 4.20 17.98 -0.39
CA LYS B 214 4.95 16.85 0.14
C LYS B 214 6.43 17.06 -0.17
N VAL B 215 7.25 16.92 0.86
CA VAL B 215 8.70 17.08 0.75
C VAL B 215 9.27 16.00 -0.15
N SER B 216 9.02 14.73 0.18
CA SER B 216 9.59 13.61 -0.57
C SER B 216 8.65 12.43 -0.58
N TYR B 217 8.69 11.64 -1.65
CA TYR B 217 7.84 10.46 -1.73
C TYR B 217 8.43 9.31 -0.91
#